data_1VLO
#
_entry.id   1VLO
#
_cell.length_a   46.517
_cell.length_b   64.564
_cell.length_c   117.141
_cell.angle_alpha   90.00
_cell.angle_beta   90.00
_cell.angle_gamma   90.00
#
_symmetry.space_group_name_H-M   'P 21 21 21'
#
loop_
_entity.id
_entity.type
_entity.pdbx_description
1 polymer Aminomethyltransferase
2 water water
#
_entity_poly.entity_id   1
_entity_poly.type   'polypeptide(L)'
_entity_poly.pdbx_seq_one_letter_code
;HHHHHHTDPALRAAQQTPLYEQHTLCGAR(MSE)VDFHGW(MSE)(MSE)PLHYGSQIDEHHAVRTDAG(MSE)FDVSH
(MSE)TIVDLRGSRTREFLRYLLANDVAKLTKSGKALYSG(MSE)LNASGGVIDDLIVYYFTEDFFRLVVNSATREKDLS
WITQHAEPFGIEITVRDDLS(MSE)IAVQGPNAQAKAATLFNDAQRQAVEG(MSE)KPFFGVQAGDLFIATTGYTGEAGY
EIALPNEKAADFWRALVEAGVKPCGLGARDTLRLEAG(MSE)NLYGQE(MSE)DETISPLAAN(MSE)GWTIAWEPADRD
FIGREALEVQREHGTEKLVGLV(MSE)TEKGVLRNELPVRFTDAQGNQHEGIITSGTFSPTLGYSIALARVPEGIGETAI
VQIRNRE(MSE)PVKVTKPVFVRNGKAVAGLCGR
;
_entity_poly.pdbx_strand_id   A
#
# COMPACT_ATOMS: atom_id res chain seq x y z
N GLN A 16 -13.74 16.09 3.58
CA GLN A 16 -14.87 15.35 2.91
C GLN A 16 -14.56 15.15 1.44
N THR A 17 -14.70 13.89 0.99
CA THR A 17 -14.36 13.58 -0.38
C THR A 17 -15.38 14.17 -1.33
N PRO A 18 -14.95 14.64 -2.50
CA PRO A 18 -15.89 15.05 -3.54
C PRO A 18 -16.90 13.97 -3.91
N LEU A 19 -16.55 12.71 -3.64
CA LEU A 19 -17.43 11.58 -3.95
C LEU A 19 -18.50 11.24 -2.92
N TYR A 20 -18.62 12.05 -1.87
CA TYR A 20 -19.49 11.75 -0.74
C TYR A 20 -20.92 11.47 -1.18
N GLU A 21 -21.49 12.33 -2.03
CA GLU A 21 -22.86 12.14 -2.49
C GLU A 21 -23.02 10.87 -3.31
N GLN A 22 -22.06 10.59 -4.19
CA GLN A 22 -22.08 9.31 -4.92
C GLN A 22 -21.98 8.11 -3.99
N HIS A 23 -21.13 8.19 -2.97
CA HIS A 23 -21.10 7.11 -1.98
C HIS A 23 -22.46 6.88 -1.35
N THR A 24 -23.17 7.95 -0.99
CA THR A 24 -24.48 7.76 -0.36
C THR A 24 -25.47 7.15 -1.34
N LEU A 25 -25.42 7.60 -2.59
CA LEU A 25 -26.29 7.05 -3.62
C LEU A 25 -26.01 5.58 -3.89
N CYS A 26 -24.76 5.16 -3.65
CA CYS A 26 -24.33 3.77 -3.78
C CYS A 26 -24.57 2.92 -2.54
N GLY A 27 -25.21 3.50 -1.52
CA GLY A 27 -25.58 2.75 -0.32
C GLY A 27 -24.45 2.60 0.70
N ALA A 28 -23.52 3.54 0.71
CA ALA A 28 -22.40 3.47 1.66
C ALA A 28 -22.84 3.42 3.13
N ARG A 29 -22.18 2.55 3.91
CA ARG A 29 -22.25 2.60 5.36
C ARG A 29 -20.94 3.28 5.76
N MSE A 30 -21.04 4.49 6.31
CA MSE A 30 -19.86 5.32 6.56
C MSE A 30 -19.20 5.05 7.93
O MSE A 30 -19.88 4.74 8.92
CB MSE A 30 -20.25 6.79 6.53
CG MSE A 30 -20.91 7.25 5.27
SE MSE A 30 -19.60 7.43 3.87
CE MSE A 30 -20.92 8.22 2.62
N VAL A 31 -17.89 5.21 7.96
CA VAL A 31 -17.13 5.26 9.22
C VAL A 31 -16.11 6.38 9.12
N ASP A 32 -15.48 6.71 10.24
CA ASP A 32 -14.40 7.67 10.18
C ASP A 32 -13.13 6.98 9.78
N PHE A 33 -12.43 7.54 8.80
CA PHE A 33 -11.12 7.04 8.41
C PHE A 33 -10.12 8.20 8.50
N HIS A 34 -9.41 8.26 9.62
CA HIS A 34 -8.42 9.33 9.83
C HIS A 34 -8.98 10.72 9.57
N GLY A 35 -10.20 10.96 10.06
CA GLY A 35 -10.86 12.25 9.95
C GLY A 35 -11.81 12.41 8.77
N TRP A 36 -11.75 11.49 7.80
CA TRP A 36 -12.63 11.48 6.62
C TRP A 36 -13.82 10.52 6.83
N MSE A 37 -15.04 10.95 6.51
N MSE A 37 -15.02 10.93 6.41
CA MSE A 37 -16.16 10.01 6.41
CA MSE A 37 -16.16 10.02 6.40
C MSE A 37 -15.93 9.23 5.13
C MSE A 37 -16.15 9.20 5.11
O MSE A 37 -15.79 9.82 4.06
O MSE A 37 -16.43 9.73 4.04
CB MSE A 37 -17.52 10.72 6.39
CB MSE A 37 -17.46 10.79 6.57
CG MSE A 37 -17.98 11.11 7.79
CG MSE A 37 -17.47 11.58 7.88
SE MSE A 37 -18.46 9.54 8.85
SE MSE A 37 -16.95 10.41 9.38
CE MSE A 37 -20.32 9.58 8.44
CE MSE A 37 -15.88 11.59 10.39
N MSE A 38 -15.83 7.91 5.25
CA MSE A 38 -15.57 7.02 4.11
C MSE A 38 -16.38 5.74 4.23
O MSE A 38 -16.67 5.27 5.34
CB MSE A 38 -14.11 6.62 4.05
CG MSE A 38 -13.14 7.74 3.83
SE MSE A 38 -13.41 8.64 2.08
CE MSE A 38 -13.45 7.37 1.28
N PRO A 39 -16.76 5.15 3.10
CA PRO A 39 -17.51 3.89 3.16
C PRO A 39 -16.74 2.70 3.68
N LEU A 40 -17.25 2.08 4.75
CA LEU A 40 -16.72 0.81 5.20
C LEU A 40 -17.11 -0.28 4.19
N HIS A 41 -18.32 -0.17 3.71
CA HIS A 41 -18.84 -1.06 2.67
C HIS A 41 -20.07 -0.43 2.10
N TYR A 42 -20.65 -1.08 1.09
CA TYR A 42 -21.85 -0.56 0.44
C TYR A 42 -22.97 -1.60 0.51
N GLY A 43 -22.87 -2.51 1.47
CA GLY A 43 -23.88 -3.54 1.68
C GLY A 43 -23.31 -4.91 1.98
N SER A 44 -22.13 -5.19 1.46
CA SER A 44 -21.46 -6.46 1.71
C SER A 44 -19.96 -6.37 1.50
N GLN A 45 -19.18 -6.29 2.58
CA GLN A 45 -17.74 -6.24 2.42
C GLN A 45 -17.16 -7.50 1.79
N ILE A 46 -17.83 -8.64 2.02
CA ILE A 46 -17.40 -9.91 1.45
C ILE A 46 -17.58 -9.88 -0.08
N ASP A 47 -18.74 -9.45 -0.55
CA ASP A 47 -18.96 -9.34 -2.02
C ASP A 47 -18.01 -8.36 -2.69
N GLU A 48 -17.67 -7.27 -2.02
CA GLU A 48 -16.77 -6.27 -2.54
C GLU A 48 -15.37 -6.90 -2.70
N HIS A 49 -14.96 -7.66 -1.71
CA HIS A 49 -13.68 -8.36 -1.77
C HIS A 49 -13.67 -9.29 -2.97
N HIS A 50 -14.73 -10.09 -3.11
CA HIS A 50 -14.75 -11.09 -4.19
C HIS A 50 -14.87 -10.44 -5.58
N ALA A 51 -15.46 -9.25 -5.65
CA ALA A 51 -15.54 -8.48 -6.89
C ALA A 51 -14.15 -8.11 -7.40
N VAL A 52 -13.27 -7.71 -6.50
CA VAL A 52 -11.94 -7.33 -6.92
C VAL A 52 -11.18 -8.57 -7.35
N ARG A 53 -11.38 -9.67 -6.63
CA ARG A 53 -10.67 -10.90 -6.94
C ARG A 53 -11.07 -11.52 -8.27
N THR A 54 -12.31 -11.28 -8.70
CA THR A 54 -12.85 -12.01 -9.88
C THR A 54 -13.29 -11.14 -11.06
N ASP A 55 -13.45 -9.83 -10.84
CA ASP A 55 -14.02 -8.98 -11.88
C ASP A 55 -13.43 -7.57 -11.77
N ALA A 56 -14.17 -6.62 -11.19
CA ALA A 56 -13.65 -5.27 -10.99
C ALA A 56 -14.38 -4.58 -9.85
N GLY A 57 -13.60 -3.99 -8.95
CA GLY A 57 -14.12 -3.12 -7.90
C GLY A 57 -13.36 -1.82 -7.89
N MSE A 58 -13.91 -0.80 -7.24
CA MSE A 58 -13.19 0.44 -7.10
C MSE A 58 -13.37 1.08 -5.74
O MSE A 58 -14.39 0.93 -5.09
CB MSE A 58 -13.64 1.44 -8.14
CG MSE A 58 -15.02 1.84 -7.98
SE MSE A 58 -15.52 3.02 -9.47
CE MSE A 58 -17.30 2.44 -9.28
N PHE A 59 -12.33 1.83 -5.38
CA PHE A 59 -12.22 2.47 -4.07
C PHE A 59 -11.96 3.95 -4.27
N ASP A 60 -12.63 4.77 -3.46
CA ASP A 60 -12.31 6.17 -3.39
C ASP A 60 -11.05 6.32 -2.55
N VAL A 61 -9.97 6.74 -3.16
CA VAL A 61 -8.72 6.97 -2.43
C VAL A 61 -8.34 8.46 -2.50
N SER A 62 -9.35 9.33 -2.45
CA SER A 62 -9.14 10.77 -2.51
C SER A 62 -8.62 11.30 -1.18
N HIS A 63 -8.70 10.46 -0.16
CA HIS A 63 -8.08 10.71 1.15
C HIS A 63 -6.56 10.67 1.12
N MSE A 64 -6.00 10.12 0.03
N MSE A 64 -5.98 10.21 0.02
CA MSE A 64 -4.56 10.16 -0.23
CA MSE A 64 -4.55 10.23 -0.10
C MSE A 64 -4.16 11.59 -0.57
C MSE A 64 -4.10 11.52 -0.73
O MSE A 64 -5.00 12.40 -0.99
O MSE A 64 -4.82 12.14 -1.51
CB MSE A 64 -4.19 9.25 -1.41
CB MSE A 64 -4.09 9.04 -0.90
CG MSE A 64 -4.54 7.76 -1.28
CG MSE A 64 -4.48 7.77 -0.22
SE MSE A 64 -3.64 6.73 0.10
SE MSE A 64 -3.79 6.30 -1.18
CE MSE A 64 -1.77 7.02 -0.37
CE MSE A 64 -1.85 6.37 -0.59
N THR A 65 -2.88 11.91 -0.36
CA THR A 65 -2.33 13.21 -0.74
C THR A 65 -1.30 13.02 -1.86
N ILE A 66 -1.51 13.72 -2.96
CA ILE A 66 -0.56 13.75 -4.07
C ILE A 66 0.30 15.00 -3.89
N VAL A 67 1.61 14.80 -3.89
CA VAL A 67 2.56 15.87 -3.68
C VAL A 67 3.41 15.95 -4.92
N ASP A 68 3.35 17.09 -5.58
CA ASP A 68 4.22 17.34 -6.72
C ASP A 68 5.49 18.06 -6.29
N LEU A 69 6.62 17.57 -6.79
CA LEU A 69 7.93 18.11 -6.50
C LEU A 69 8.59 18.66 -7.77
N ARG A 70 9.03 19.91 -7.75
CA ARG A 70 9.59 20.55 -8.93
C ARG A 70 10.95 21.21 -8.60
N GLY A 71 11.87 21.16 -9.53
CA GLY A 71 13.20 21.74 -9.34
C GLY A 71 14.25 20.85 -9.97
N SER A 72 15.32 21.47 -10.47
CA SER A 72 16.37 20.74 -11.18
C SER A 72 17.07 19.69 -10.29
N ARG A 73 17.06 19.89 -8.97
CA ARG A 73 17.67 18.96 -8.03
C ARG A 73 16.68 17.94 -7.45
N THR A 74 15.52 17.77 -8.07
CA THR A 74 14.52 16.88 -7.46
C THR A 74 14.99 15.44 -7.30
N ARG A 75 15.65 14.87 -8.32
CA ARG A 75 16.12 13.49 -8.22
C ARG A 75 17.16 13.37 -7.10
N GLU A 76 18.07 14.32 -7.08
CA GLU A 76 19.11 14.38 -6.06
C GLU A 76 18.49 14.37 -4.66
N PHE A 77 17.51 15.23 -4.45
CA PHE A 77 16.78 15.31 -3.18
C PHE A 77 16.22 13.95 -2.80
N LEU A 78 15.50 13.33 -3.72
CA LEU A 78 14.84 12.06 -3.41
C LEU A 78 15.80 10.90 -3.18
N ARG A 79 16.96 10.93 -3.81
CA ARG A 79 18.02 9.92 -3.54
C ARG A 79 18.55 9.99 -2.12
N TYR A 80 18.41 11.16 -1.50
CA TYR A 80 18.78 11.36 -0.09
C TYR A 80 17.60 11.10 0.84
N LEU A 81 16.40 11.48 0.42
CA LEU A 81 15.22 11.28 1.27
C LEU A 81 14.77 9.83 1.46
N LEU A 82 14.82 9.05 0.37
CA LEU A 82 14.22 7.72 0.33
C LEU A 82 15.26 6.62 0.38
N ALA A 83 14.85 5.46 0.91
CA ALA A 83 15.77 4.35 1.05
C ALA A 83 15.85 3.42 -0.17
N ASN A 84 14.79 3.38 -0.97
CA ASN A 84 14.94 2.87 -2.34
C ASN A 84 15.67 3.98 -3.09
N ASP A 85 16.09 3.71 -4.33
CA ASP A 85 16.89 4.67 -5.10
C ASP A 85 16.19 5.10 -6.36
N VAL A 86 15.73 6.34 -6.40
CA VAL A 86 15.00 6.81 -7.57
C VAL A 86 15.87 6.97 -8.81
N ALA A 87 17.19 6.73 -8.68
CA ALA A 87 18.07 6.64 -9.86
C ALA A 87 17.57 5.54 -10.80
N LYS A 88 16.85 4.57 -10.23
CA LYS A 88 16.29 3.45 -10.98
C LYS A 88 15.09 3.83 -11.83
N LEU A 89 14.55 5.03 -11.65
CA LEU A 89 13.46 5.53 -12.48
C LEU A 89 14.09 6.24 -13.67
N THR A 90 14.26 5.54 -14.78
CA THR A 90 14.93 6.10 -15.97
C THR A 90 14.04 6.29 -17.19
N LYS A 91 12.87 5.62 -17.20
CA LYS A 91 11.85 5.86 -18.21
C LYS A 91 10.79 6.79 -17.65
N SER A 92 10.48 7.82 -18.40
CA SER A 92 9.48 8.77 -18.00
C SER A 92 8.15 8.09 -17.61
N GLY A 93 7.61 8.49 -16.47
CA GLY A 93 6.41 7.87 -15.90
C GLY A 93 6.63 6.71 -14.94
N LYS A 94 7.85 6.18 -14.85
CA LYS A 94 8.13 5.03 -14.01
C LYS A 94 8.01 5.38 -12.53
N ALA A 95 7.45 4.46 -11.77
CA ALA A 95 7.26 4.60 -10.34
C ALA A 95 7.99 3.51 -9.55
N LEU A 96 8.30 3.81 -8.30
CA LEU A 96 8.73 2.76 -7.39
C LEU A 96 8.09 2.93 -6.02
N TYR A 97 8.19 1.86 -5.27
CA TYR A 97 7.72 1.79 -3.88
C TYR A 97 8.93 1.96 -2.96
N SER A 98 8.81 2.84 -1.95
CA SER A 98 9.93 3.09 -1.03
C SER A 98 9.48 3.37 0.40
N GLY A 99 10.35 3.02 1.33
CA GLY A 99 10.32 3.61 2.66
C GLY A 99 10.98 4.97 2.69
N MSE A 100 10.55 5.78 3.66
CA MSE A 100 11.12 7.06 3.98
C MSE A 100 11.47 6.92 5.46
O MSE A 100 10.58 6.70 6.29
CB MSE A 100 10.12 8.18 3.73
CG MSE A 100 10.63 9.57 4.05
SE MSE A 100 9.49 10.95 3.33
CE MSE A 100 8.08 10.80 4.66
N LEU A 101 12.75 6.98 5.76
CA LEU A 101 13.24 6.61 7.10
C LEU A 101 13.71 7.79 7.93
N ASN A 102 13.68 7.61 9.25
CA ASN A 102 14.31 8.56 10.15
C ASN A 102 15.77 8.16 10.34
N ALA A 103 16.54 8.97 11.06
CA ALA A 103 17.97 8.73 11.20
C ALA A 103 18.27 7.44 11.97
N SER A 104 17.32 6.96 12.78
CA SER A 104 17.47 5.72 13.53
C SER A 104 17.15 4.49 12.68
N GLY A 105 16.78 4.71 11.44
CA GLY A 105 16.43 3.61 10.53
C GLY A 105 15.02 3.08 10.71
N GLY A 106 14.19 3.78 11.47
CA GLY A 106 12.78 3.44 11.57
C GLY A 106 12.00 4.06 10.42
N VAL A 107 10.78 3.58 10.20
CA VAL A 107 10.01 4.00 9.05
C VAL A 107 9.09 5.14 9.42
N ILE A 108 9.29 6.27 8.74
CA ILE A 108 8.40 7.42 8.82
C ILE A 108 7.14 7.15 8.01
N ASP A 109 7.28 6.61 6.81
CA ASP A 109 6.14 6.20 6.02
C ASP A 109 6.65 5.31 4.86
N ASP A 110 5.71 4.66 4.20
CA ASP A 110 5.95 4.12 2.87
C ASP A 110 5.14 4.90 1.83
N LEU A 111 5.58 4.83 0.58
CA LEU A 111 4.98 5.65 -0.44
C LEU A 111 5.34 5.14 -1.84
N ILE A 112 4.61 5.66 -2.83
CA ILE A 112 4.93 5.49 -4.23
C ILE A 112 5.46 6.83 -4.76
N VAL A 113 6.51 6.76 -5.56
CA VAL A 113 7.10 7.96 -6.16
C VAL A 113 7.22 7.74 -7.66
N TYR A 114 6.79 8.76 -8.42
CA TYR A 114 6.85 8.78 -9.90
C TYR A 114 7.93 9.74 -10.39
N TYR A 115 8.64 9.32 -11.43
CA TYR A 115 9.56 10.20 -12.18
C TYR A 115 8.84 10.61 -13.46
N PHE A 116 8.76 11.91 -13.73
CA PHE A 116 8.24 12.43 -15.03
C PHE A 116 9.34 13.09 -15.86
N THR A 117 9.96 14.12 -15.29
CA THR A 117 11.18 14.71 -15.86
C THR A 117 12.17 15.00 -14.73
N GLU A 118 13.38 15.44 -15.09
CA GLU A 118 14.36 15.76 -14.05
C GLU A 118 13.92 16.94 -13.21
N ASP A 119 12.94 17.69 -13.69
CA ASP A 119 12.40 18.83 -12.96
C ASP A 119 11.06 18.52 -12.28
N PHE A 120 10.58 17.26 -12.34
CA PHE A 120 9.22 16.93 -11.91
C PHE A 120 9.06 15.45 -11.53
N PHE A 121 8.94 15.23 -10.21
CA PHE A 121 8.53 13.96 -9.60
C PHE A 121 7.25 14.14 -8.80
N ARG A 122 6.65 13.02 -8.42
CA ARG A 122 5.39 13.03 -7.67
C ARG A 122 5.41 11.95 -6.61
N LEU A 123 4.96 12.29 -5.39
CA LEU A 123 4.80 11.32 -4.29
C LEU A 123 3.33 11.18 -3.99
N VAL A 124 2.94 10.02 -3.49
CA VAL A 124 1.58 9.81 -3.00
C VAL A 124 1.64 9.26 -1.58
N VAL A 125 1.00 9.93 -0.64
CA VAL A 125 0.99 9.49 0.75
C VAL A 125 -0.40 9.47 1.38
N ASN A 126 -0.50 8.74 2.47
CA ASN A 126 -1.77 8.57 3.18
C ASN A 126 -2.17 9.74 4.05
N SER A 127 -3.47 9.85 4.29
CA SER A 127 -4.01 10.90 5.14
C SER A 127 -3.42 10.88 6.55
N ALA A 128 -3.32 9.69 7.14
CA ALA A 128 -2.90 9.57 8.53
C ALA A 128 -1.53 10.15 8.77
N THR A 129 -0.66 10.08 7.76
CA THR A 129 0.74 10.55 7.87
C THR A 129 1.05 11.80 7.05
N ARG A 130 0.03 12.38 6.44
CA ARG A 130 0.18 13.53 5.55
C ARG A 130 0.96 14.68 6.17
N GLU A 131 0.52 15.15 7.33
CA GLU A 131 1.16 16.33 7.92
C GLU A 131 2.58 16.05 8.44
N LYS A 132 2.80 14.90 9.04
CA LYS A 132 4.15 14.49 9.43
C LYS A 132 5.07 14.41 8.24
N ASP A 133 4.59 13.77 7.17
CA ASP A 133 5.37 13.61 5.95
C ASP A 133 5.68 14.97 5.31
N LEU A 134 4.66 15.82 5.22
CA LEU A 134 4.85 17.14 4.61
C LEU A 134 5.86 17.96 5.36
N SER A 135 5.82 17.90 6.69
N SER A 135 5.84 17.90 6.69
CA SER A 135 6.75 18.65 7.50
CA SER A 135 6.78 18.67 7.49
C SER A 135 8.18 18.15 7.23
C SER A 135 8.20 18.16 7.27
N TRP A 136 8.34 16.84 7.23
CA TRP A 136 9.64 16.19 7.02
C TRP A 136 10.20 16.48 5.61
N ILE A 137 9.35 16.28 4.62
CA ILE A 137 9.72 16.54 3.22
C ILE A 137 10.13 18.01 3.06
N THR A 138 9.31 18.93 3.56
CA THR A 138 9.62 20.36 3.51
C THR A 138 10.96 20.70 4.11
N GLN A 139 11.22 20.17 5.30
CA GLN A 139 12.47 20.40 6.02
C GLN A 139 13.71 19.99 5.20
N HIS A 140 13.68 18.77 4.70
CA HIS A 140 14.82 18.24 3.97
C HIS A 140 14.90 18.74 2.51
N ALA A 141 13.79 19.25 1.96
CA ALA A 141 13.79 19.78 0.60
C ALA A 141 14.53 21.12 0.46
N GLU A 142 14.53 21.90 1.52
CA GLU A 142 14.96 23.32 1.47
C GLU A 142 16.35 23.54 0.87
N PRO A 143 17.37 22.79 1.29
CA PRO A 143 18.71 23.00 0.73
C PRO A 143 18.84 22.59 -0.72
N PHE A 144 17.92 21.76 -1.20
CA PHE A 144 17.88 21.35 -2.60
C PHE A 144 17.04 22.28 -3.49
N GLY A 145 16.29 23.19 -2.86
CA GLY A 145 15.48 24.16 -3.59
C GLY A 145 14.29 23.57 -4.31
N ILE A 146 13.63 22.61 -3.66
CA ILE A 146 12.53 21.90 -4.30
C ILE A 146 11.22 22.61 -3.97
N GLU A 147 10.43 22.87 -5.02
CA GLU A 147 9.09 23.46 -4.89
C GLU A 147 8.08 22.33 -4.62
N ILE A 148 7.39 22.41 -3.50
CA ILE A 148 6.44 21.37 -3.06
C ILE A 148 5.03 21.89 -3.26
N THR A 149 4.23 21.15 -4.05
CA THR A 149 2.84 21.53 -4.32
C THR A 149 1.93 20.38 -3.95
N VAL A 150 1.04 20.61 -2.99
CA VAL A 150 0.08 19.57 -2.58
C VAL A 150 -1.15 19.66 -3.49
N ARG A 151 -1.56 18.53 -4.06
CA ARG A 151 -2.58 18.49 -5.10
C ARG A 151 -3.97 18.17 -4.55
N ASP A 152 -4.46 19.07 -3.71
CA ASP A 152 -5.76 18.91 -3.08
C ASP A 152 -6.89 19.24 -4.05
N ASP A 153 -6.53 19.68 -5.26
CA ASP A 153 -7.45 19.86 -6.36
C ASP A 153 -7.84 18.57 -7.11
N LEU A 154 -7.15 17.47 -6.77
CA LEU A 154 -7.36 16.16 -7.39
C LEU A 154 -8.02 15.17 -6.45
N SER A 155 -8.90 14.37 -7.01
CA SER A 155 -9.45 13.19 -6.36
C SER A 155 -8.80 11.99 -7.04
N MSE A 156 -8.99 10.82 -6.47
CA MSE A 156 -8.36 9.64 -7.03
C MSE A 156 -9.24 8.43 -6.76
O MSE A 156 -9.82 8.30 -5.66
CB MSE A 156 -6.97 9.43 -6.44
CG MSE A 156 -6.18 8.38 -7.18
SE MSE A 156 -4.28 8.40 -6.74
CE MSE A 156 -4.31 9.16 -5.12
N ILE A 157 -9.33 7.56 -7.77
CA ILE A 157 -10.14 6.34 -7.70
C ILE A 157 -9.26 5.17 -8.09
N ALA A 158 -9.25 4.11 -7.27
CA ALA A 158 -8.51 2.91 -7.57
C ALA A 158 -9.46 1.89 -8.14
N VAL A 159 -9.17 1.43 -9.35
CA VAL A 159 -10.05 0.47 -10.04
C VAL A 159 -9.24 -0.80 -10.15
N GLN A 160 -9.71 -1.87 -9.52
CA GLN A 160 -8.89 -3.07 -9.27
C GLN A 160 -9.60 -4.37 -9.63
N GLY A 161 -8.85 -5.30 -10.20
CA GLY A 161 -9.38 -6.62 -10.54
C GLY A 161 -9.01 -6.99 -11.95
N PRO A 162 -9.24 -8.25 -12.30
CA PRO A 162 -8.83 -8.77 -13.60
C PRO A 162 -9.50 -8.12 -14.83
N ASN A 163 -10.66 -7.52 -14.63
CA ASN A 163 -11.35 -6.77 -15.68
C ASN A 163 -11.34 -5.26 -15.44
N ALA A 164 -10.56 -4.80 -14.46
CA ALA A 164 -10.56 -3.38 -14.09
C ALA A 164 -10.01 -2.45 -15.17
N GLN A 165 -8.84 -2.78 -15.71
CA GLN A 165 -8.23 -1.97 -16.75
C GLN A 165 -9.14 -1.90 -17.97
N ALA A 166 -9.67 -3.04 -18.40
CA ALA A 166 -10.56 -3.08 -19.57
C ALA A 166 -11.83 -2.23 -19.35
N LYS A 167 -12.47 -2.39 -18.20
CA LYS A 167 -13.69 -1.64 -17.90
C LYS A 167 -13.42 -0.16 -17.79
N ALA A 168 -12.35 0.21 -17.09
CA ALA A 168 -11.97 1.63 -17.03
C ALA A 168 -11.69 2.20 -18.40
N ALA A 169 -11.02 1.42 -19.25
CA ALA A 169 -10.59 1.92 -20.55
C ALA A 169 -11.75 2.24 -21.51
N THR A 170 -12.93 1.66 -21.26
CA THR A 170 -14.14 2.00 -22.05
C THR A 170 -14.50 3.46 -21.90
N LEU A 171 -14.02 4.10 -20.83
CA LEU A 171 -14.30 5.51 -20.54
C LEU A 171 -13.23 6.44 -21.07
N PHE A 172 -12.10 5.88 -21.51
CA PHE A 172 -10.99 6.69 -22.02
C PHE A 172 -11.28 7.20 -23.42
N ASN A 173 -10.83 8.41 -23.72
CA ASN A 173 -10.86 8.89 -25.10
C ASN A 173 -9.71 8.31 -25.90
N ASP A 174 -9.65 8.56 -27.20
CA ASP A 174 -8.60 7.95 -28.02
C ASP A 174 -7.18 8.28 -27.53
N ALA A 175 -6.92 9.53 -27.17
CA ALA A 175 -5.60 9.95 -26.71
C ALA A 175 -5.23 9.25 -25.41
N GLN A 176 -6.22 9.03 -24.55
CA GLN A 176 -6.00 8.38 -23.27
C GLN A 176 -5.72 6.88 -23.48
N ARG A 177 -6.51 6.25 -24.33
CA ARG A 177 -6.20 4.87 -24.73
C ARG A 177 -4.79 4.72 -25.29
N GLN A 178 -4.39 5.65 -26.15
N GLN A 178 -4.39 5.65 -26.15
CA GLN A 178 -3.06 5.62 -26.75
CA GLN A 178 -3.05 5.61 -26.75
C GLN A 178 -1.97 5.77 -25.69
C GLN A 178 -1.97 5.76 -25.67
N ALA A 179 -2.19 6.66 -24.73
CA ALA A 179 -1.22 6.90 -23.64
C ALA A 179 -0.91 5.66 -22.79
N VAL A 180 -1.93 4.86 -22.55
CA VAL A 180 -1.80 3.69 -21.66
C VAL A 180 -1.62 2.37 -22.41
N GLU A 181 -1.59 2.43 -23.74
CA GLU A 181 -1.48 1.20 -24.53
C GLU A 181 -0.17 0.50 -24.18
N GLY A 182 -0.27 -0.76 -23.76
CA GLY A 182 0.91 -1.55 -23.45
C GLY A 182 1.60 -1.14 -22.16
N MSE A 183 0.95 -0.32 -21.35
CA MSE A 183 1.62 0.24 -20.19
C MSE A 183 1.88 -0.84 -19.16
O MSE A 183 0.96 -1.62 -18.79
CB MSE A 183 0.84 1.42 -19.58
CG MSE A 183 1.71 2.21 -18.59
SE MSE A 183 0.97 4.01 -18.31
CE MSE A 183 -0.58 3.42 -17.60
N LYS A 184 3.12 -0.90 -18.70
CA LYS A 184 3.56 -1.90 -17.76
C LYS A 184 3.23 -1.45 -16.35
N PRO A 185 3.31 -2.38 -15.39
CA PRO A 185 3.10 -2.04 -14.00
C PRO A 185 4.02 -0.97 -13.48
N PHE A 186 3.51 -0.19 -12.52
CA PHE A 186 4.29 0.86 -11.88
C PHE A 186 4.78 1.91 -12.87
N PHE A 187 3.83 2.41 -13.66
CA PHE A 187 3.98 3.59 -14.47
C PHE A 187 2.77 4.46 -14.24
N GLY A 188 2.96 5.75 -14.44
CA GLY A 188 1.86 6.72 -14.44
C GLY A 188 1.97 7.66 -15.60
N VAL A 189 0.84 8.08 -16.15
CA VAL A 189 0.83 9.03 -17.24
C VAL A 189 -0.37 9.98 -17.19
N GLN A 190 -0.09 11.25 -17.46
CA GLN A 190 -1.10 12.27 -17.62
C GLN A 190 -1.61 12.29 -19.06
N ALA A 191 -2.91 12.12 -19.20
CA ALA A 191 -3.56 12.21 -20.50
C ALA A 191 -4.81 13.05 -20.32
N GLY A 192 -4.66 14.35 -20.58
CA GLY A 192 -5.70 15.33 -20.31
C GLY A 192 -6.03 15.41 -18.83
N ASP A 193 -7.32 15.29 -18.52
CA ASP A 193 -7.81 15.40 -17.14
C ASP A 193 -7.44 14.18 -16.28
N LEU A 194 -7.00 13.08 -16.92
CA LEU A 194 -6.76 11.83 -16.20
C LEU A 194 -5.29 11.55 -16.05
N PHE A 195 -4.90 11.31 -14.80
CA PHE A 195 -3.60 10.74 -14.49
C PHE A 195 -3.86 9.26 -14.20
N ILE A 196 -3.30 8.39 -15.06
CA ILE A 196 -3.63 6.97 -15.00
C ILE A 196 -2.37 6.20 -14.67
N ALA A 197 -2.45 5.42 -13.60
CA ALA A 197 -1.29 4.68 -13.10
C ALA A 197 -1.61 3.21 -12.90
N THR A 198 -0.66 2.35 -13.26
CA THR A 198 -0.77 0.91 -13.07
C THR A 198 -0.22 0.52 -11.70
N THR A 199 -0.99 0.92 -10.68
CA THR A 199 -0.69 0.69 -9.28
C THR A 199 -1.94 0.16 -8.57
N GLY A 200 -1.75 -0.28 -7.32
CA GLY A 200 -2.86 -0.81 -6.58
C GLY A 200 -2.41 -1.36 -5.24
N TYR A 201 -3.39 -1.67 -4.42
CA TYR A 201 -3.20 -2.18 -3.07
C TYR A 201 -3.97 -3.49 -2.85
N THR A 202 -4.13 -4.28 -3.92
CA THR A 202 -5.02 -5.44 -3.87
C THR A 202 -4.42 -6.79 -4.20
N GLY A 203 -3.28 -6.81 -4.87
CA GLY A 203 -2.71 -8.04 -5.40
C GLY A 203 -3.28 -8.40 -6.79
N GLU A 204 -4.11 -7.50 -7.34
CA GLU A 204 -4.68 -7.66 -8.66
C GLU A 204 -4.13 -6.58 -9.58
N ALA A 205 -4.37 -6.75 -10.88
CA ALA A 205 -4.17 -5.70 -11.86
C ALA A 205 -5.19 -4.59 -11.67
N GLY A 206 -4.90 -3.44 -12.24
CA GLY A 206 -5.81 -2.31 -12.16
C GLY A 206 -5.15 -1.00 -12.44
N TYR A 207 -5.90 0.09 -12.17
CA TYR A 207 -5.37 1.42 -12.29
C TYR A 207 -5.71 2.18 -11.00
N GLU A 208 -4.93 3.23 -10.75
CA GLU A 208 -5.37 4.36 -9.93
C GLU A 208 -5.46 5.57 -10.86
N ILE A 209 -6.54 6.30 -10.74
CA ILE A 209 -6.84 7.38 -11.68
C ILE A 209 -7.09 8.66 -10.89
N ALA A 210 -6.24 9.67 -11.08
CA ALA A 210 -6.45 10.95 -10.41
C ALA A 210 -7.01 11.94 -11.41
N LEU A 211 -7.93 12.78 -10.96
CA LEU A 211 -8.57 13.76 -11.84
C LEU A 211 -9.13 14.90 -11.00
N PRO A 212 -9.49 16.01 -11.64
CA PRO A 212 -10.00 17.17 -10.90
C PRO A 212 -11.19 16.82 -10.04
N ASN A 213 -11.22 17.37 -8.83
CA ASN A 213 -12.33 17.12 -7.90
C ASN A 213 -13.69 17.26 -8.59
N GLU A 214 -13.81 18.29 -9.42
CA GLU A 214 -15.08 18.61 -10.08
C GLU A 214 -15.52 17.63 -11.18
N LYS A 215 -14.58 16.79 -11.63
CA LYS A 215 -14.85 15.70 -12.58
C LYS A 215 -15.10 14.34 -11.93
N ALA A 216 -14.82 14.23 -10.64
CA ALA A 216 -14.76 12.94 -9.98
C ALA A 216 -16.10 12.20 -9.95
N ALA A 217 -17.16 12.91 -9.61
CA ALA A 217 -18.47 12.27 -9.38
C ALA A 217 -18.97 11.66 -10.67
N ASP A 218 -18.83 12.38 -11.76
CA ASP A 218 -19.31 11.85 -13.05
C ASP A 218 -18.49 10.65 -13.50
N PHE A 219 -17.18 10.67 -13.22
CA PHE A 219 -16.31 9.57 -13.63
C PHE A 219 -16.64 8.34 -12.80
N TRP A 220 -16.81 8.51 -11.49
CA TRP A 220 -17.32 7.46 -10.61
C TRP A 220 -18.60 6.82 -11.15
N ARG A 221 -19.60 7.66 -11.46
CA ARG A 221 -20.86 7.14 -11.98
C ARG A 221 -20.66 6.38 -13.29
N ALA A 222 -19.81 6.91 -14.17
CA ALA A 222 -19.53 6.22 -15.44
C ALA A 222 -18.90 4.84 -15.19
N LEU A 223 -18.06 4.75 -14.16
CA LEU A 223 -17.39 3.50 -13.82
C LEU A 223 -18.38 2.46 -13.27
N VAL A 224 -19.33 2.90 -12.45
CA VAL A 224 -20.41 2.04 -11.99
C VAL A 224 -21.13 1.47 -13.20
N GLU A 225 -21.50 2.35 -14.13
CA GLU A 225 -22.20 1.90 -15.34
C GLU A 225 -21.36 0.94 -16.19
N ALA A 226 -20.04 1.11 -16.14
CA ALA A 226 -19.10 0.21 -16.84
C ALA A 226 -18.94 -1.17 -16.20
N GLY A 227 -19.62 -1.39 -15.07
CA GLY A 227 -19.64 -2.67 -14.42
C GLY A 227 -18.58 -2.79 -13.34
N VAL A 228 -18.13 -1.66 -12.80
CA VAL A 228 -17.15 -1.68 -11.68
C VAL A 228 -17.91 -1.47 -10.36
N LYS A 229 -17.77 -2.40 -9.42
CA LYS A 229 -18.51 -2.38 -8.17
C LYS A 229 -17.87 -1.46 -7.15
N PRO A 230 -18.64 -0.53 -6.56
CA PRO A 230 -18.13 0.20 -5.40
C PRO A 230 -17.70 -0.73 -4.24
N CYS A 231 -16.48 -0.48 -3.74
CA CYS A 231 -15.89 -1.26 -2.68
C CYS A 231 -15.34 -0.35 -1.58
N GLY A 232 -15.51 -0.77 -0.34
CA GLY A 232 -15.21 0.02 0.83
C GLY A 232 -13.93 -0.36 1.54
N LEU A 233 -13.74 0.24 2.70
CA LEU A 233 -12.53 0.07 3.48
C LEU A 233 -12.36 -1.33 4.01
N GLY A 234 -13.47 -2.00 4.31
CA GLY A 234 -13.40 -3.37 4.83
C GLY A 234 -12.73 -4.31 3.83
N ALA A 235 -13.21 -4.29 2.60
CA ALA A 235 -12.59 -5.05 1.51
C ALA A 235 -11.16 -4.53 1.18
N ARG A 236 -10.96 -3.22 1.25
CA ARG A 236 -9.62 -2.67 1.03
C ARG A 236 -8.63 -3.40 1.96
N ASP A 237 -9.03 -3.60 3.22
CA ASP A 237 -8.13 -4.23 4.16
C ASP A 237 -7.92 -5.73 3.93
N THR A 238 -9.01 -6.48 3.72
CA THR A 238 -8.87 -7.92 3.44
C THR A 238 -8.05 -8.17 2.17
N LEU A 239 -8.29 -7.35 1.16
CA LEU A 239 -7.55 -7.47 -0.09
C LEU A 239 -6.04 -7.24 0.09
N ARG A 240 -5.68 -6.14 0.74
CA ARG A 240 -4.26 -5.81 0.88
C ARG A 240 -3.51 -6.78 1.81
N LEU A 241 -4.17 -7.29 2.83
CA LEU A 241 -3.51 -8.19 3.78
C LEU A 241 -3.25 -9.54 3.09
N GLU A 242 -4.27 -10.04 2.40
CA GLU A 242 -4.11 -11.23 1.55
C GLU A 242 -2.95 -11.07 0.58
N ALA A 243 -2.80 -9.89 0.01
CA ALA A 243 -1.71 -9.58 -0.94
C ALA A 243 -0.33 -9.36 -0.33
N GLY A 244 -0.26 -9.42 1.01
CA GLY A 244 0.96 -9.19 1.75
C GLY A 244 1.46 -7.76 1.72
N MSE A 245 0.55 -6.81 1.65
CA MSE A 245 0.92 -5.42 1.53
C MSE A 245 0.82 -4.73 2.89
O MSE A 245 -0.09 -5.03 3.67
CB MSE A 245 0.11 -4.76 0.43
CG MSE A 245 0.57 -5.35 -0.94
SE MSE A 245 -0.56 -4.63 -2.33
CE MSE A 245 0.09 -5.64 -3.95
N ASN A 246 1.82 -3.90 3.22
CA ASN A 246 1.91 -3.29 4.53
C ASN A 246 0.92 -2.16 4.72
N LEU A 247 0.55 -1.97 5.99
CA LEU A 247 -0.22 -0.85 6.44
C LEU A 247 0.57 -0.15 7.54
N TYR A 248 0.95 1.09 7.24
CA TYR A 248 1.73 1.89 8.16
C TYR A 248 0.94 2.02 9.48
N GLY A 249 1.67 1.90 10.57
CA GLY A 249 1.08 1.90 11.89
C GLY A 249 0.89 0.48 12.41
N GLN A 250 0.77 -0.48 11.51
CA GLN A 250 0.58 -1.88 11.89
C GLN A 250 1.83 -2.69 11.56
N GLU A 251 2.18 -2.83 10.29
CA GLU A 251 3.41 -3.58 9.92
C GLU A 251 4.71 -2.84 10.23
N MSE A 252 4.65 -1.52 10.33
CA MSE A 252 5.80 -0.73 10.74
C MSE A 252 5.39 0.64 11.31
O MSE A 252 4.26 1.10 11.15
CB MSE A 252 6.77 -0.55 9.59
CG MSE A 252 6.29 0.37 8.53
SE MSE A 252 4.76 -0.43 7.51
CE MSE A 252 5.10 0.51 5.76
N ASP A 253 6.34 1.26 11.97
CA ASP A 253 6.20 2.66 12.42
C ASP A 253 7.59 3.17 12.69
N GLU A 254 7.71 4.35 13.30
CA GLU A 254 9.03 4.95 13.47
C GLU A 254 10.00 4.17 14.35
N THR A 255 9.49 3.19 15.07
CA THR A 255 10.30 2.34 15.95
C THR A 255 10.74 1.04 15.32
N ILE A 256 10.25 0.76 14.12
CA ILE A 256 10.49 -0.50 13.43
C ILE A 256 11.33 -0.31 12.18
N SER A 257 12.36 -1.16 12.03
CA SER A 257 13.21 -1.13 10.87
C SER A 257 12.46 -1.68 9.65
N PRO A 258 12.69 -1.14 8.46
CA PRO A 258 12.07 -1.76 7.26
C PRO A 258 12.48 -3.22 7.11
N LEU A 259 13.66 -3.58 7.64
CA LEU A 259 14.16 -4.95 7.56
C LEU A 259 13.27 -5.93 8.33
N ALA A 260 12.55 -5.43 9.32
CA ALA A 260 11.65 -6.24 10.17
C ALA A 260 10.18 -6.13 9.71
N ALA A 261 9.97 -5.45 8.59
CA ALA A 261 8.64 -5.22 8.04
C ALA A 261 8.53 -5.70 6.59
N ASN A 262 9.36 -6.68 6.24
CA ASN A 262 9.35 -7.25 4.89
C ASN A 262 9.57 -6.18 3.83
N MSE A 263 10.43 -5.18 4.13
CA MSE A 263 10.76 -4.13 3.18
C MSE A 263 12.24 -4.12 2.81
O MSE A 263 12.72 -3.22 2.15
CB MSE A 263 10.34 -2.76 3.73
CG MSE A 263 8.88 -2.59 3.77
SE MSE A 263 8.43 -0.95 4.79
CE MSE A 263 8.80 0.28 3.44
N GLY A 264 12.95 -5.19 3.17
CA GLY A 264 14.36 -5.31 2.79
C GLY A 264 14.55 -5.17 1.28
N TRP A 265 13.64 -5.77 0.54
CA TRP A 265 13.70 -5.78 -0.91
C TRP A 265 13.64 -4.39 -1.49
N THR A 266 13.18 -3.42 -0.70
CA THR A 266 13.07 -2.04 -1.17
C THR A 266 14.30 -1.18 -0.87
N ILE A 267 15.27 -1.76 -0.17
CA ILE A 267 16.46 -0.98 0.20
C ILE A 267 17.50 -1.11 -0.90
N ALA A 268 17.85 0.03 -1.49
CA ALA A 268 18.85 0.10 -2.54
C ALA A 268 20.23 0.37 -1.94
N TRP A 269 20.90 -0.68 -1.44
CA TRP A 269 22.19 -0.52 -0.76
C TRP A 269 23.27 0.00 -1.70
N GLU A 270 23.27 -0.52 -2.93
CA GLU A 270 24.25 -0.07 -3.91
C GLU A 270 23.60 1.00 -4.79
N PRO A 271 24.33 2.04 -5.21
CA PRO A 271 25.74 2.26 -4.95
C PRO A 271 25.97 2.73 -3.51
N ALA A 272 27.07 2.25 -2.92
CA ALA A 272 27.44 2.54 -1.54
C ALA A 272 27.60 4.01 -1.26
N ASP A 273 27.92 4.79 -2.29
CA ASP A 273 28.18 6.22 -2.11
C ASP A 273 26.95 7.09 -2.13
N ARG A 274 25.78 6.48 -2.26
CA ARG A 274 24.54 7.24 -2.15
C ARG A 274 24.12 7.38 -0.68
N ASP A 275 24.25 8.60 -0.17
CA ASP A 275 23.80 8.95 1.16
C ASP A 275 22.29 9.09 1.18
N PHE A 276 21.66 8.45 2.16
CA PHE A 276 20.24 8.65 2.39
C PHE A 276 19.96 8.58 3.89
N ILE A 277 18.87 9.18 4.30
CA ILE A 277 18.54 9.26 5.72
C ILE A 277 18.18 7.89 6.25
N GLY A 278 18.86 7.49 7.32
CA GLY A 278 18.68 6.15 7.90
C GLY A 278 19.75 5.15 7.49
N ARG A 279 20.62 5.54 6.56
CA ARG A 279 21.53 4.59 5.93
C ARG A 279 22.42 3.88 6.90
N GLU A 280 23.14 4.59 7.75
CA GLU A 280 24.09 3.92 8.64
C GLU A 280 23.37 3.08 9.70
N ALA A 281 22.24 3.57 10.20
CA ALA A 281 21.47 2.76 11.20
C ALA A 281 21.00 1.45 10.57
N LEU A 282 20.59 1.55 9.33
CA LEU A 282 20.13 0.40 8.58
C LEU A 282 21.26 -0.60 8.36
N GLU A 283 22.45 -0.11 8.02
CA GLU A 283 23.60 -0.98 7.83
C GLU A 283 23.94 -1.74 9.09
N VAL A 284 23.84 -1.07 10.24
CA VAL A 284 24.08 -1.72 11.51
C VAL A 284 23.01 -2.79 11.78
N GLN A 285 21.75 -2.45 11.49
CA GLN A 285 20.65 -3.40 11.67
C GLN A 285 20.85 -4.64 10.80
N ARG A 286 21.29 -4.45 9.56
CA ARG A 286 21.58 -5.58 8.67
C ARG A 286 22.71 -6.46 9.21
N GLU A 287 23.77 -5.82 9.70
CA GLU A 287 24.88 -6.53 10.33
C GLU A 287 24.45 -7.34 11.54
N HIS A 288 23.63 -6.74 12.39
CA HIS A 288 23.24 -7.36 13.63
C HIS A 288 22.15 -8.41 13.46
N GLY A 289 21.33 -8.22 12.42
CA GLY A 289 20.12 -9.00 12.24
C GLY A 289 18.94 -8.32 12.88
N THR A 290 17.74 -8.58 12.33
CA THR A 290 16.51 -8.03 12.89
C THR A 290 15.44 -9.10 13.01
N GLU A 291 14.34 -8.70 13.61
CA GLU A 291 13.11 -9.48 13.55
C GLU A 291 12.62 -9.52 12.09
N LYS A 292 11.64 -10.37 11.82
CA LYS A 292 11.16 -10.54 10.46
C LYS A 292 9.66 -10.61 10.45
N LEU A 293 9.09 -10.13 9.37
CA LEU A 293 7.66 -10.19 9.16
C LEU A 293 7.33 -11.47 8.41
N VAL A 294 6.54 -12.31 9.05
CA VAL A 294 6.10 -13.57 8.47
C VAL A 294 4.57 -13.61 8.32
N GLY A 295 4.07 -14.60 7.60
CA GLY A 295 2.65 -14.86 7.52
C GLY A 295 2.29 -15.95 8.50
N LEU A 296 1.05 -15.91 8.98
CA LEU A 296 0.47 -16.98 9.79
C LEU A 296 -0.85 -17.37 9.17
N VAL A 297 -1.12 -18.67 9.16
CA VAL A 297 -2.37 -19.25 8.71
C VAL A 297 -2.97 -20.11 9.82
N MSE A 298 -4.25 -19.88 10.11
CA MSE A 298 -4.96 -20.67 11.08
C MSE A 298 -6.21 -21.23 10.42
O MSE A 298 -7.16 -20.50 10.21
CB MSE A 298 -5.34 -19.81 12.29
CG MSE A 298 -5.75 -20.66 13.46
SE MSE A 298 -6.37 -19.60 14.96
CE MSE A 298 -7.51 -18.55 14.05
N THR A 299 -6.16 -22.51 10.04
CA THR A 299 -7.34 -23.19 9.46
C THR A 299 -8.39 -23.56 10.50
N GLU A 300 -7.97 -23.63 11.76
CA GLU A 300 -8.88 -23.88 12.86
C GLU A 300 -9.83 -22.71 12.98
N LYS A 301 -11.01 -22.96 13.52
CA LYS A 301 -12.03 -21.93 13.57
C LYS A 301 -11.59 -20.84 14.54
N GLY A 302 -11.88 -19.61 14.19
CA GLY A 302 -11.47 -18.47 14.99
C GLY A 302 -10.87 -17.43 14.08
N VAL A 303 -10.61 -16.26 14.63
CA VAL A 303 -10.00 -15.17 13.86
C VAL A 303 -8.78 -14.62 14.61
N LEU A 304 -7.68 -14.49 13.87
CA LEU A 304 -6.47 -13.88 14.37
C LEU A 304 -6.68 -12.36 14.47
N ARG A 305 -6.29 -11.77 15.61
CA ARG A 305 -6.48 -10.34 15.84
C ARG A 305 -5.16 -9.59 15.91
N ASN A 306 -5.19 -8.32 15.51
CA ASN A 306 -4.04 -7.43 15.71
C ASN A 306 -3.55 -7.49 17.17
N GLU A 307 -2.25 -7.46 17.32
CA GLU A 307 -1.56 -7.38 18.62
C GLU A 307 -1.56 -8.69 19.45
N LEU A 308 -2.18 -9.75 18.96
CA LEU A 308 -2.07 -11.06 19.61
C LEU A 308 -0.59 -11.51 19.66
N PRO A 309 -0.12 -12.00 20.80
CA PRO A 309 1.21 -12.60 20.87
C PRO A 309 1.36 -13.90 20.06
N VAL A 310 2.58 -14.15 19.61
CA VAL A 310 2.91 -15.34 18.84
C VAL A 310 4.12 -15.96 19.52
N ARG A 311 4.00 -17.18 20.02
CA ARG A 311 5.07 -17.77 20.78
C ARG A 311 5.64 -19.02 20.15
N PHE A 312 6.95 -19.15 20.32
CA PHE A 312 7.67 -20.32 19.87
C PHE A 312 9.00 -20.42 20.61
N THR A 313 9.65 -21.58 20.47
CA THR A 313 10.98 -21.81 21.06
C THR A 313 11.92 -22.12 19.91
N ASP A 314 13.10 -21.47 19.88
CA ASP A 314 14.05 -21.73 18.79
C ASP A 314 14.82 -22.99 19.04
N ALA A 315 15.65 -23.38 18.08
CA ALA A 315 16.34 -24.66 18.15
C ALA A 315 17.26 -24.76 19.35
N GLN A 316 17.74 -23.61 19.82
CA GLN A 316 18.64 -23.54 20.96
C GLN A 316 17.88 -23.51 22.31
N GLY A 317 16.56 -23.50 22.25
CA GLY A 317 15.71 -23.50 23.45
C GLY A 317 15.31 -22.14 23.99
N ASN A 318 15.67 -21.07 23.28
CA ASN A 318 15.28 -19.72 23.69
C ASN A 318 13.79 -19.57 23.40
N GLN A 319 13.02 -19.17 24.39
CA GLN A 319 11.58 -18.88 24.17
C GLN A 319 11.45 -17.48 23.61
N HIS A 320 10.63 -17.36 22.56
CA HIS A 320 10.44 -16.11 21.85
C HIS A 320 8.97 -15.74 21.80
N GLU A 321 8.74 -14.44 21.74
CA GLU A 321 7.42 -13.88 21.58
C GLU A 321 7.44 -12.79 20.53
N GLY A 322 6.68 -13.01 19.46
CA GLY A 322 6.41 -11.99 18.47
C GLY A 322 5.01 -11.45 18.65
N ILE A 323 4.52 -10.77 17.62
CA ILE A 323 3.21 -10.15 17.69
C ILE A 323 2.56 -10.08 16.32
N ILE A 324 1.26 -10.34 16.27
CA ILE A 324 0.49 -10.05 15.05
C ILE A 324 0.39 -8.56 14.79
N THR A 325 0.74 -8.17 13.57
CA THR A 325 0.64 -6.79 13.17
C THR A 325 -0.71 -6.51 12.53
N SER A 326 -1.17 -7.44 11.68
CA SER A 326 -2.52 -7.36 11.10
C SER A 326 -3.07 -8.75 10.96
N GLY A 327 -4.28 -8.95 11.44
CA GLY A 327 -4.97 -10.19 11.25
C GLY A 327 -6.34 -10.01 10.65
N THR A 328 -6.83 -11.06 10.02
CA THR A 328 -8.17 -11.02 9.43
C THR A 328 -8.68 -12.43 9.11
N PHE A 329 -9.96 -12.51 8.78
CA PHE A 329 -10.48 -13.70 8.13
C PHE A 329 -10.42 -13.47 6.62
N SER A 330 -9.66 -14.32 5.92
CA SER A 330 -9.50 -14.22 4.47
C SER A 330 -10.76 -14.69 3.69
N PRO A 331 -11.46 -13.78 3.00
CA PRO A 331 -12.60 -14.21 2.21
C PRO A 331 -12.21 -15.15 1.06
N THR A 332 -11.04 -14.94 0.45
CA THR A 332 -10.62 -15.80 -0.66
C THR A 332 -10.23 -17.19 -0.18
N LEU A 333 -9.52 -17.27 0.93
CA LEU A 333 -9.03 -18.57 1.40
C LEU A 333 -10.03 -19.32 2.27
N GLY A 334 -10.89 -18.60 2.98
CA GLY A 334 -11.85 -19.18 3.88
C GLY A 334 -11.32 -19.59 5.24
N TYR A 335 -10.24 -18.95 5.68
CA TYR A 335 -9.71 -19.16 7.02
C TYR A 335 -8.93 -17.90 7.43
N SER A 336 -8.47 -17.85 8.68
N SER A 336 -8.44 -17.88 8.66
CA SER A 336 -7.82 -16.64 9.17
CA SER A 336 -7.78 -16.71 9.21
C SER A 336 -6.34 -16.59 8.79
C SER A 336 -6.32 -16.60 8.78
N ILE A 337 -5.87 -15.38 8.48
CA ILE A 337 -4.48 -15.13 8.15
C ILE A 337 -3.98 -13.91 8.91
N ALA A 338 -2.65 -13.79 8.99
CA ALA A 338 -2.06 -12.63 9.63
C ALA A 338 -0.67 -12.38 9.16
N LEU A 339 -0.26 -11.12 9.24
CA LEU A 339 1.14 -10.74 9.23
C LEU A 339 1.58 -10.63 10.70
N ALA A 340 2.80 -11.08 10.98
CA ALA A 340 3.37 -11.03 12.34
C ALA A 340 4.86 -10.74 12.29
N ARG A 341 5.28 -9.92 13.25
CA ARG A 341 6.71 -9.64 13.48
C ARG A 341 7.22 -10.58 14.54
N VAL A 342 8.23 -11.37 14.20
CA VAL A 342 8.74 -12.41 15.10
C VAL A 342 10.26 -12.40 15.13
N PRO A 343 10.85 -12.76 16.27
CA PRO A 343 12.28 -13.01 16.31
C PRO A 343 12.75 -14.04 15.26
N GLU A 344 14.01 -13.91 14.86
CA GLU A 344 14.67 -14.92 14.04
C GLU A 344 14.67 -16.26 14.76
N GLY A 345 14.57 -17.31 13.96
CA GLY A 345 14.66 -18.67 14.44
C GLY A 345 13.34 -19.38 14.48
N ILE A 346 12.27 -18.75 14.01
CA ILE A 346 10.97 -19.42 13.96
C ILE A 346 10.97 -20.64 13.01
N GLY A 347 10.20 -21.66 13.37
CA GLY A 347 10.01 -22.85 12.54
C GLY A 347 8.76 -22.80 11.67
N GLU A 348 8.19 -23.99 11.46
CA GLU A 348 7.08 -24.16 10.54
C GLU A 348 5.76 -23.81 11.23
N THR A 349 5.77 -23.80 12.55
CA THR A 349 4.58 -23.51 13.35
C THR A 349 4.89 -22.58 14.54
N ALA A 350 3.84 -22.02 15.10
CA ALA A 350 3.96 -21.23 16.31
C ALA A 350 2.64 -21.33 17.06
N ILE A 351 2.58 -20.69 18.22
CA ILE A 351 1.38 -20.77 19.06
C ILE A 351 0.80 -19.40 19.32
N VAL A 352 -0.53 -19.30 19.17
CA VAL A 352 -1.28 -18.11 19.55
C VAL A 352 -2.38 -18.56 20.53
N GLN A 353 -2.88 -17.64 21.36
CA GLN A 353 -3.99 -17.94 22.27
C GLN A 353 -5.36 -17.71 21.60
N ILE A 354 -6.19 -18.76 21.54
CA ILE A 354 -7.53 -18.66 20.92
C ILE A 354 -8.55 -19.33 21.84
N ARG A 355 -9.56 -18.58 22.28
CA ARG A 355 -10.55 -19.06 23.25
C ARG A 355 -9.89 -19.59 24.51
N ASN A 356 -8.92 -18.82 25.01
CA ASN A 356 -8.24 -19.11 26.28
C ASN A 356 -7.36 -20.37 26.24
N ARG A 357 -6.96 -20.77 25.04
CA ARG A 357 -6.19 -21.99 24.85
C ARG A 357 -5.13 -21.76 23.80
N GLU A 358 -4.09 -22.58 23.84
CA GLU A 358 -3.07 -22.55 22.81
C GLU A 358 -3.64 -23.09 21.51
N MSE A 359 -3.30 -22.40 20.43
CA MSE A 359 -3.69 -22.75 19.11
C MSE A 359 -2.44 -22.70 18.25
O MSE A 359 -1.88 -21.63 18.04
CB MSE A 359 -4.71 -21.73 18.59
CG MSE A 359 -5.12 -21.94 17.14
SE MSE A 359 -5.94 -23.69 16.77
CE MSE A 359 -7.81 -23.34 17.48
N PRO A 360 -2.01 -23.85 17.74
CA PRO A 360 -0.93 -23.87 16.76
C PRO A 360 -1.38 -23.20 15.47
N VAL A 361 -0.46 -22.46 14.87
CA VAL A 361 -0.71 -21.83 13.60
C VAL A 361 0.43 -22.19 12.69
N LYS A 362 0.17 -22.13 11.39
CA LYS A 362 1.20 -22.41 10.42
C LYS A 362 1.92 -21.11 10.06
N VAL A 363 3.24 -21.17 10.06
CA VAL A 363 4.06 -20.03 9.67
C VAL A 363 4.38 -20.11 8.18
N THR A 364 4.14 -19.02 7.47
CA THR A 364 4.29 -18.99 6.02
C THR A 364 5.00 -17.73 5.58
N LYS A 365 5.17 -17.63 4.28
CA LYS A 365 5.63 -16.38 3.66
C LYS A 365 4.58 -15.28 3.93
N PRO A 366 5.01 -14.02 3.99
CA PRO A 366 4.10 -12.91 4.24
C PRO A 366 3.30 -12.46 3.00
N VAL A 367 2.61 -13.41 2.37
CA VAL A 367 1.78 -13.12 1.19
C VAL A 367 0.89 -14.36 1.05
N PHE A 368 -0.33 -14.16 0.59
CA PHE A 368 -1.34 -15.24 0.63
C PHE A 368 -2.10 -15.42 -0.69
N VAL A 369 -2.42 -14.34 -1.37
CA VAL A 369 -3.23 -14.37 -2.60
C VAL A 369 -2.67 -13.33 -3.58
N ARG A 370 -2.48 -13.71 -4.84
CA ARG A 370 -2.12 -12.78 -5.90
C ARG A 370 -2.92 -13.19 -7.13
N ASN A 371 -3.40 -12.22 -7.89
CA ASN A 371 -4.08 -12.48 -9.19
C ASN A 371 -5.13 -13.55 -9.07
N GLY A 372 -6.01 -13.36 -8.09
CA GLY A 372 -7.16 -14.20 -7.93
C GLY A 372 -6.92 -15.59 -7.44
N LYS A 373 -5.72 -15.90 -6.98
CA LYS A 373 -5.40 -17.25 -6.59
C LYS A 373 -4.49 -17.28 -5.38
N ALA A 374 -4.72 -18.27 -4.51
CA ALA A 374 -3.83 -18.58 -3.42
C ALA A 374 -2.43 -18.81 -3.95
N VAL A 375 -1.44 -18.27 -3.23
CA VAL A 375 -0.04 -18.47 -3.57
C VAL A 375 0.30 -19.96 -3.43
N ALA A 376 1.35 -20.37 -4.14
CA ALA A 376 1.70 -21.78 -4.25
C ALA A 376 1.79 -22.52 -2.92
N GLY A 377 2.32 -21.88 -1.88
CA GLY A 377 2.45 -22.57 -0.58
C GLY A 377 1.13 -22.89 0.09
N LEU A 378 0.06 -22.27 -0.39
CA LEU A 378 -1.28 -22.52 0.17
C LEU A 378 -2.21 -23.35 -0.73
N CYS A 379 -1.65 -23.95 -1.78
CA CYS A 379 -2.42 -24.90 -2.59
C CYS A 379 -1.55 -26.00 -3.21
#